data_5AV7
#
_entry.id   5AV7
#
_cell.length_a   47.608
_cell.length_b   52.836
_cell.length_c   54.774
_cell.angle_alpha   90.01
_cell.angle_beta   90.03
_cell.angle_gamma   94.05
#
_symmetry.space_group_name_H-M   'P 1'
#
loop_
_entity.id
_entity.type
_entity.pdbx_description
1 polymer Lectin
2 branched '2-acetamido-2-deoxy-beta-D-glucopyranose-(1-2)-alpha-D-mannopyranose-(1-3)-[2-acetamido-2-deoxy-beta-D-glucopyranose-(1-2)-alpha-D-mannopyranose-(1-6)][2-acetamido-2-deoxy-beta-D-glucopyranose-(1-4)]methyl alpha-D-mannopyranoside'
3 water water
#
_entity_poly.entity_id   1
_entity_poly.type   'polypeptide(L)'
_entity_poly.pdbx_seq_one_letter_code
;VPMDTISGPWGNNGGNFWSFRPVNKINQIVISYGGGGNNPIALTFSSTKADGSKDTITVGGGGPDSITGTEMVNIGTDEY
LTGISGTFGIYLDNNVLRSITFTTNLKAHGPYGQKVGTPFSSANVVGNEIVGFLGRSGYYVDAIGTYNRHK
;
_entity_poly.pdbx_strand_id   A,B,C,D
#
# COMPACT_ATOMS: atom_id res chain seq x y z
N VAL A 1 -33.24 19.24 23.52
CA VAL A 1 -32.84 17.80 23.67
C VAL A 1 -31.74 17.69 24.74
N PRO A 2 -32.08 17.11 25.89
CA PRO A 2 -31.12 16.93 26.97
C PRO A 2 -30.04 15.93 26.62
N MET A 3 -28.88 16.09 27.23
CA MET A 3 -27.79 15.15 27.07
C MET A 3 -27.26 14.88 28.46
N ASP A 4 -26.72 13.69 28.68
CA ASP A 4 -26.22 13.29 29.99
C ASP A 4 -25.04 14.13 30.47
N THR A 5 -25.00 14.34 31.78
CA THR A 5 -23.95 15.09 32.46
C THR A 5 -22.56 14.51 32.23
N ILE A 6 -21.65 15.37 31.78
CA ILE A 6 -20.26 14.98 31.65
C ILE A 6 -19.52 15.34 32.94
N SER A 7 -18.71 14.41 33.42
CA SER A 7 -17.76 14.67 34.48
C SER A 7 -16.33 14.55 33.91
N GLY A 8 -15.55 15.62 34.07
CA GLY A 8 -14.23 15.70 33.44
C GLY A 8 -14.39 16.23 32.02
N PRO A 9 -13.63 15.68 31.06
CA PRO A 9 -12.63 14.62 31.23
C PRO A 9 -11.35 15.11 31.90
N TRP A 10 -10.53 14.17 32.38
CA TRP A 10 -9.18 14.44 32.89
C TRP A 10 -8.14 13.96 31.88
N GLY A 11 -6.96 14.57 31.89
CA GLY A 11 -5.89 14.19 30.97
C GLY A 11 -5.40 15.37 30.15
N ASN A 12 -5.07 15.13 28.89
CA ASN A 12 -4.47 16.16 28.04
C ASN A 12 -5.06 16.19 26.63
N ASN A 13 -4.54 17.06 25.78
CA ASN A 13 -5.14 17.33 24.47
C ASN A 13 -4.67 16.41 23.34
N GLY A 14 -3.86 15.41 23.67
CA GLY A 14 -3.36 14.43 22.68
C GLY A 14 -4.44 13.57 22.05
N GLY A 15 -4.10 12.91 20.94
CA GLY A 15 -4.98 11.93 20.31
C GLY A 15 -6.25 12.53 19.71
N ASN A 16 -7.23 11.67 19.47
CA ASN A 16 -8.53 12.06 18.94
C ASN A 16 -9.60 11.89 20.00
N PHE A 17 -10.62 12.75 19.94
CA PHE A 17 -11.82 12.60 20.76
C PHE A 17 -12.47 11.23 20.55
N TRP A 18 -13.00 10.67 21.64
CA TRP A 18 -13.84 9.48 21.52
C TRP A 18 -15.01 9.58 22.51
N SER A 19 -16.08 8.85 22.23
CA SER A 19 -17.27 8.90 23.10
C SER A 19 -18.07 7.62 22.95
N PHE A 20 -18.55 7.10 24.08
CA PHE A 20 -19.31 5.86 24.09
C PHE A 20 -20.32 5.86 25.24
N ARG A 21 -21.58 6.14 24.90
CA ARG A 21 -22.67 6.08 25.87
C ARG A 21 -23.75 5.19 25.26
N PRO A 22 -23.72 3.89 25.58
CA PRO A 22 -24.70 2.97 25.01
C PRO A 22 -26.02 3.00 25.78
N VAL A 23 -27.11 2.62 25.12
CA VAL A 23 -28.41 2.51 25.80
C VAL A 23 -28.53 1.24 26.65
N ASN A 24 -27.61 0.29 26.47
CA ASN A 24 -27.54 -0.92 27.29
C ASN A 24 -26.40 -0.87 28.29
N LYS A 25 -26.59 -1.43 29.47
CA LYS A 25 -25.60 -1.31 30.55
C LYS A 25 -24.21 -1.80 30.11
N ILE A 26 -23.19 -1.05 30.49
CA ILE A 26 -21.82 -1.51 30.32
C ILE A 26 -21.56 -2.59 31.38
N ASN A 27 -21.31 -3.81 30.93
CA ASN A 27 -21.12 -4.92 31.87
C ASN A 27 -19.69 -5.45 31.96
N GLN A 28 -18.83 -5.00 31.06
CA GLN A 28 -17.43 -5.41 31.05
C GLN A 28 -16.48 -4.29 30.60
N ILE A 29 -15.32 -4.25 31.23
CA ILE A 29 -14.26 -3.34 30.80
C ILE A 29 -13.00 -4.17 30.69
N VAL A 30 -12.34 -4.07 29.55
CA VAL A 30 -11.06 -4.74 29.32
C VAL A 30 -9.96 -3.68 29.31
N ILE A 31 -8.94 -3.90 30.14
CA ILE A 31 -7.78 -3.03 30.18
C ILE A 31 -6.63 -3.77 29.48
N SER A 32 -6.14 -3.18 28.40
CA SER A 32 -5.06 -3.78 27.61
C SER A 32 -3.73 -3.13 27.97
N TYR A 33 -2.70 -3.94 28.15
CA TYR A 33 -1.38 -3.46 28.53
C TYR A 33 -0.36 -3.63 27.40
N GLY A 34 0.71 -2.85 27.47
CA GLY A 34 1.78 -2.93 26.47
C GLY A 34 3.17 -2.95 27.06
N GLY A 35 4.16 -3.18 26.21
CA GLY A 35 5.57 -3.13 26.56
C GLY A 35 5.98 -4.08 27.66
N GLY A 36 5.33 -5.26 27.68
CA GLY A 36 5.62 -6.32 28.65
C GLY A 36 5.36 -5.97 30.10
N GLY A 37 4.80 -4.79 30.36
CA GLY A 37 4.63 -4.29 31.72
C GLY A 37 3.20 -4.00 32.14
N ASN A 38 3.09 -3.24 33.22
CA ASN A 38 1.82 -2.87 33.82
C ASN A 38 1.32 -1.54 33.25
N ASN A 39 1.48 -1.39 31.93
CA ASN A 39 1.26 -0.11 31.27
C ASN A 39 0.04 -0.15 30.38
N PRO A 40 -1.09 0.45 30.84
CA PRO A 40 -2.31 0.42 30.07
C PRO A 40 -2.17 1.22 28.78
N ILE A 41 -2.64 0.62 27.69
CA ILE A 41 -2.53 1.23 26.36
C ILE A 41 -3.88 1.37 25.66
N ALA A 42 -4.86 0.61 26.13
CA ALA A 42 -6.20 0.63 25.53
C ALA A 42 -7.26 0.25 26.55
N LEU A 43 -8.48 0.72 26.29
CA LEU A 43 -9.61 0.42 27.12
C LEU A 43 -10.73 0.03 26.19
N THR A 44 -11.42 -1.04 26.55
CA THR A 44 -12.56 -1.53 25.80
C THR A 44 -13.75 -1.50 26.75
N PHE A 45 -14.82 -0.84 26.32
CA PHE A 45 -16.07 -0.82 27.07
C PHE A 45 -17.08 -1.61 26.29
N SER A 46 -17.80 -2.51 26.97
CA SER A 46 -18.74 -3.39 26.28
C SER A 46 -20.06 -3.52 27.04
N SER A 47 -21.16 -3.63 26.29
CA SER A 47 -22.50 -3.73 26.84
C SER A 47 -23.05 -5.14 26.82
N THR A 48 -24.04 -5.42 27.66
CA THR A 48 -24.67 -6.74 27.77
C THR A 48 -24.73 -7.58 26.48
N LYS A 54 -25.18 -5.92 20.73
CA LYS A 54 -23.94 -5.77 21.49
C LYS A 54 -23.25 -4.48 21.10
N ASP A 55 -23.06 -3.59 22.08
CA ASP A 55 -22.32 -2.34 21.86
C ASP A 55 -20.93 -2.46 22.42
N THR A 56 -19.97 -1.90 21.70
CA THR A 56 -18.58 -1.96 22.12
C THR A 56 -17.73 -0.85 21.51
N ILE A 57 -16.68 -0.48 22.22
CA ILE A 57 -15.70 0.45 21.70
C ILE A 57 -14.34 0.10 22.27
N THR A 58 -13.31 0.27 21.46
CA THR A 58 -11.95 0.23 21.95
C THR A 58 -11.25 1.54 21.63
N VAL A 59 -10.62 2.11 22.64
CA VAL A 59 -9.92 3.38 22.50
C VAL A 59 -8.49 3.20 22.99
N GLY A 60 -7.57 3.89 22.34
CA GLY A 60 -6.15 3.66 22.57
C GLY A 60 -5.75 2.41 21.80
N GLY A 61 -4.49 2.00 21.93
CA GLY A 61 -3.96 0.88 21.15
C GLY A 61 -3.98 1.09 19.64
N GLY A 62 -3.85 2.34 19.20
CA GLY A 62 -3.85 2.66 17.77
C GLY A 62 -2.50 2.46 17.10
N GLY A 63 -1.51 2.03 17.87
CA GLY A 63 -0.15 1.85 17.36
C GLY A 63 0.16 0.43 16.94
N PRO A 64 1.43 0.17 16.56
CA PRO A 64 1.90 -1.18 16.31
C PRO A 64 2.18 -1.92 17.62
N ASP A 65 2.23 -1.17 18.73
CA ASP A 65 2.41 -1.74 20.07
C ASP A 65 1.58 -3.02 20.19
N SER A 66 2.24 -4.13 20.47
CA SER A 66 1.52 -5.39 20.65
C SER A 66 0.98 -5.49 22.07
N ILE A 67 -0.18 -6.12 22.22
CA ILE A 67 -0.79 -6.28 23.53
C ILE A 67 -0.08 -7.40 24.27
N THR A 68 0.51 -7.05 25.40
CA THR A 68 1.28 -8.01 26.19
C THR A 68 0.48 -8.56 27.38
N GLY A 69 -0.79 -8.17 27.47
CA GLY A 69 -1.67 -8.66 28.53
C GLY A 69 -2.93 -7.83 28.67
N THR A 70 -3.96 -8.46 29.22
CA THR A 70 -5.23 -7.77 29.53
C THR A 70 -5.74 -8.13 30.93
N GLU A 71 -6.55 -7.23 31.50
CA GLU A 71 -7.28 -7.50 32.72
C GLU A 71 -8.73 -7.05 32.50
N MET A 72 -9.63 -7.53 33.36
CA MET A 72 -11.07 -7.40 33.13
C MET A 72 -11.83 -6.97 34.37
N VAL A 73 -12.75 -6.03 34.18
CA VAL A 73 -13.80 -5.75 35.15
C VAL A 73 -15.09 -6.42 34.69
N ASN A 74 -15.63 -7.29 35.54
CA ASN A 74 -16.93 -7.91 35.30
C ASN A 74 -17.97 -7.29 36.21
N ILE A 75 -18.90 -6.55 35.63
CA ILE A 75 -19.91 -5.84 36.42
C ILE A 75 -21.11 -6.75 36.66
N GLY A 76 -21.41 -6.97 37.94
CA GLY A 76 -22.52 -7.82 38.36
C GLY A 76 -23.89 -7.26 38.02
N THR A 77 -24.87 -8.15 37.97
CA THR A 77 -26.22 -7.80 37.52
C THR A 77 -26.93 -6.75 38.40
N ASP A 78 -26.50 -6.61 39.65
CA ASP A 78 -27.01 -5.56 40.54
C ASP A 78 -25.92 -4.55 40.89
N GLU A 79 -24.91 -4.49 40.03
CA GLU A 79 -23.79 -3.60 40.17
C GLU A 79 -23.78 -2.61 39.00
N TYR A 80 -23.24 -1.42 39.22
CA TYR A 80 -23.17 -0.40 38.19
C TYR A 80 -22.04 0.57 38.54
N LEU A 81 -21.45 1.17 37.51
CA LEU A 81 -20.34 2.08 37.71
C LEU A 81 -20.77 3.38 38.36
N THR A 82 -19.93 3.94 39.23
CA THR A 82 -20.27 5.18 39.94
C THR A 82 -19.22 6.27 39.89
N GLY A 83 -17.96 5.90 39.81
CA GLY A 83 -16.86 6.85 39.80
C GLY A 83 -15.61 6.30 39.15
N ILE A 84 -14.71 7.20 38.79
CA ILE A 84 -13.38 6.80 38.33
C ILE A 84 -12.32 7.65 39.01
N SER A 85 -11.10 7.13 38.95
CA SER A 85 -9.92 7.79 39.47
C SER A 85 -8.71 7.13 38.83
N GLY A 86 -7.59 7.81 38.89
CA GLY A 86 -6.35 7.23 38.40
C GLY A 86 -5.26 8.25 38.38
N THR A 87 -4.31 8.05 37.46
CA THR A 87 -3.19 8.95 37.31
C THR A 87 -2.90 9.13 35.82
N PHE A 88 -2.35 10.28 35.47
CA PHE A 88 -1.74 10.47 34.17
C PHE A 88 -0.26 10.75 34.36
N GLY A 89 0.54 10.28 33.41
CA GLY A 89 1.98 10.52 33.43
C GLY A 89 2.62 10.06 32.14
N ILE A 90 3.94 9.97 32.16
CA ILE A 90 4.73 9.72 30.95
C ILE A 90 4.98 8.23 30.72
N TYR A 91 4.63 7.76 29.53
CA TYR A 91 4.95 6.42 29.09
C TYR A 91 5.44 6.47 27.65
N LEU A 92 6.73 6.23 27.47
CA LEU A 92 7.42 6.35 26.18
C LEU A 92 7.15 7.72 25.56
N ASP A 93 7.60 8.77 26.26
CA ASP A 93 7.52 10.17 25.80
C ASP A 93 6.09 10.69 25.59
N ASN A 94 5.10 10.03 26.20
CA ASN A 94 3.70 10.42 26.06
C ASN A 94 3.00 10.64 27.40
N ASN A 95 2.48 11.84 27.62
CA ASN A 95 1.68 12.11 28.82
C ASN A 95 0.30 11.47 28.66
N VAL A 96 0.18 10.26 29.18
CA VAL A 96 -1.03 9.46 28.99
C VAL A 96 -1.50 8.84 30.30
N LEU A 97 -2.59 8.08 30.20
CA LEU A 97 -3.14 7.37 31.35
C LEU A 97 -2.16 6.28 31.80
N ARG A 98 -1.85 6.28 33.09
CA ARG A 98 -0.90 5.34 33.67
C ARG A 98 -1.60 4.30 34.54
N SER A 99 -2.65 4.73 35.25
CA SER A 99 -3.48 3.81 36.04
C SER A 99 -4.91 4.30 36.07
N ILE A 100 -5.84 3.36 36.30
CA ILE A 100 -7.25 3.70 36.42
C ILE A 100 -7.96 2.75 37.38
N THR A 101 -8.86 3.32 38.17
CA THR A 101 -9.71 2.55 39.08
C THR A 101 -11.17 2.86 38.72
N PHE A 102 -11.97 1.81 38.57
CA PHE A 102 -13.40 1.94 38.30
C PHE A 102 -14.19 1.55 39.54
N THR A 103 -14.85 2.54 40.13
CA THR A 103 -15.67 2.32 41.32
C THR A 103 -17.13 2.12 40.94
N THR A 104 -17.76 1.16 41.60
CA THR A 104 -19.18 0.89 41.45
C THR A 104 -19.85 1.06 42.81
N ASN A 105 -21.16 0.84 42.87
CA ASN A 105 -21.90 0.86 44.13
C ASN A 105 -21.39 -0.17 45.14
N LEU A 106 -20.68 -1.18 44.64
CA LEU A 106 -20.19 -2.28 45.49
C LEU A 106 -18.75 -2.11 45.94
N LYS A 107 -17.86 -1.83 44.99
CA LYS A 107 -16.44 -1.77 45.29
C LYS A 107 -15.66 -0.91 44.30
N ALA A 108 -14.38 -0.66 44.64
CA ALA A 108 -13.43 -0.13 43.69
C ALA A 108 -12.74 -1.28 42.96
N HIS A 109 -12.73 -1.19 41.64
CA HIS A 109 -12.05 -2.15 40.78
C HIS A 109 -10.73 -1.58 40.28
N GLY A 110 -9.63 -2.19 40.74
CA GLY A 110 -8.30 -1.76 40.36
C GLY A 110 -7.38 -1.73 41.57
N PRO A 111 -6.29 -0.94 41.49
CA PRO A 111 -5.96 -0.13 40.31
C PRO A 111 -5.50 -0.99 39.13
N TYR A 112 -5.71 -0.49 37.92
CA TYR A 112 -5.22 -1.13 36.72
C TYR A 112 -4.11 -0.29 36.10
N GLY A 113 -2.88 -0.81 36.17
CA GLY A 113 -1.71 -0.10 35.66
C GLY A 113 -0.72 0.25 36.77
N GLN A 114 0.04 1.32 36.55
CA GLN A 114 1.05 1.74 37.52
C GLN A 114 0.63 3.08 38.12
N LYS A 115 0.49 3.12 39.43
CA LYS A 115 0.05 4.34 40.11
C LYS A 115 1.22 5.31 40.23
N VAL A 116 1.59 5.89 39.09
CA VAL A 116 2.61 6.93 39.00
C VAL A 116 2.03 8.13 38.27
N GLY A 117 2.57 9.32 38.56
CA GLY A 117 2.11 10.56 37.91
C GLY A 117 1.01 11.28 38.66
N THR A 118 0.34 12.20 37.95
CA THR A 118 -0.64 13.11 38.55
C THR A 118 -2.02 12.45 38.74
N PRO A 119 -2.50 12.37 40.02
CA PRO A 119 -3.78 11.73 40.31
C PRO A 119 -4.98 12.57 39.89
N PHE A 120 -6.10 11.90 39.62
CA PHE A 120 -7.38 12.56 39.39
C PHE A 120 -8.47 11.69 40.01
N SER A 121 -9.62 12.29 40.33
CA SER A 121 -10.77 11.52 40.81
C SER A 121 -12.04 12.33 40.59
N SER A 122 -13.12 11.65 40.18
CA SER A 122 -14.38 12.33 39.90
C SER A 122 -15.08 12.75 41.17
N ALA A 123 -15.81 13.87 41.12
CA ALA A 123 -16.51 14.40 42.29
C ALA A 123 -17.58 13.43 42.81
N ASN A 128 -25.10 8.34 42.15
CA ASN A 128 -24.67 8.55 40.77
C ASN A 128 -24.50 7.25 40.01
N GLU A 129 -24.85 7.25 38.72
CA GLU A 129 -24.46 6.12 37.85
C GLU A 129 -23.64 6.59 36.64
N ILE A 130 -22.49 5.97 36.40
CA ILE A 130 -21.77 6.18 35.15
C ILE A 130 -22.47 5.36 34.06
N VAL A 131 -22.91 6.04 33.00
CA VAL A 131 -23.65 5.42 31.91
C VAL A 131 -22.85 5.42 30.59
N GLY A 132 -21.66 6.00 30.63
CA GLY A 132 -20.79 5.98 29.47
C GLY A 132 -19.49 6.68 29.74
N PHE A 133 -18.59 6.62 28.75
CA PHE A 133 -17.29 7.25 28.84
C PHE A 133 -17.00 8.11 27.62
N LEU A 134 -16.12 9.09 27.79
CA LEU A 134 -15.60 9.90 26.69
C LEU A 134 -14.15 10.25 27.01
N GLY A 135 -13.43 10.72 26.00
CA GLY A 135 -12.05 11.10 26.24
C GLY A 135 -11.31 11.39 24.95
N ARG A 136 -10.00 11.25 25.01
CA ARG A 136 -9.14 11.36 23.83
C ARG A 136 -8.18 10.16 23.83
N SER A 137 -7.85 9.67 22.63
CA SER A 137 -6.92 8.54 22.50
C SER A 137 -6.19 8.51 21.16
N GLY A 138 -5.02 7.89 21.15
CA GLY A 138 -4.31 7.59 19.90
C GLY A 138 -3.66 6.24 20.03
N TYR A 139 -2.34 6.27 20.23
CA TYR A 139 -1.59 5.09 20.62
C TYR A 139 -1.97 4.64 22.03
N TYR A 140 -2.24 5.61 22.91
CA TYR A 140 -2.60 5.33 24.28
C TYR A 140 -3.87 6.10 24.65
N VAL A 141 -4.21 6.16 25.93
CA VAL A 141 -5.37 6.93 26.36
C VAL A 141 -4.90 8.30 26.85
N ASP A 142 -5.26 9.33 26.09
CA ASP A 142 -4.80 10.69 26.36
C ASP A 142 -5.67 11.42 27.38
N ALA A 143 -6.94 11.02 27.47
CA ALA A 143 -7.89 11.65 28.36
C ALA A 143 -9.09 10.75 28.55
N ILE A 144 -9.73 10.92 29.70
CA ILE A 144 -10.92 10.15 30.02
C ILE A 144 -11.85 10.91 30.95
N GLY A 145 -13.15 10.71 30.74
CA GLY A 145 -14.20 11.30 31.58
C GLY A 145 -15.42 10.38 31.47
N THR A 146 -16.52 10.78 32.09
CA THR A 146 -17.72 9.94 32.14
C THR A 146 -18.97 10.72 31.76
N TYR A 147 -19.96 9.97 31.26
CA TYR A 147 -21.35 10.41 31.21
C TYR A 147 -22.06 9.85 32.43
N ASN A 148 -22.95 10.66 32.99
CA ASN A 148 -23.55 10.37 34.28
C ASN A 148 -25.04 10.63 34.29
N ARG A 149 -25.77 9.80 35.03
CA ARG A 149 -27.21 9.95 35.26
C ARG A 149 -27.49 9.48 36.68
N HIS A 150 -28.14 10.33 37.47
CA HIS A 150 -28.42 10.01 38.86
C HIS A 150 -29.52 8.96 38.95
N VAL B 1 36.66 26.16 18.75
CA VAL B 1 36.70 25.11 17.69
C VAL B 1 35.68 25.41 16.59
N PRO B 2 36.16 25.65 15.35
CA PRO B 2 35.22 25.98 14.25
C PRO B 2 34.34 24.78 13.85
N MET B 3 33.15 25.06 13.33
CA MET B 3 32.21 24.02 12.93
C MET B 3 31.58 24.42 11.59
N ASP B 4 31.22 23.44 10.78
CA ASP B 4 30.66 23.74 9.46
C ASP B 4 29.37 24.52 9.50
N THR B 5 29.31 25.51 8.63
CA THR B 5 28.14 26.36 8.41
C THR B 5 26.88 25.54 8.13
N ILE B 6 25.82 25.83 8.89
CA ILE B 6 24.51 25.22 8.73
C ILE B 6 23.65 26.12 7.85
N SER B 7 23.03 25.53 6.82
CA SER B 7 21.94 26.17 6.08
C SER B 7 20.65 25.51 6.51
N GLY B 8 19.61 26.31 6.79
CA GLY B 8 18.37 25.78 7.34
C GLY B 8 18.48 25.61 8.85
N PRO B 9 17.93 24.51 9.41
CA PRO B 9 17.10 23.50 8.77
C PRO B 9 15.77 24.08 8.32
N TRP B 10 15.17 23.45 7.32
CA TRP B 10 13.83 23.84 6.87
C TRP B 10 12.83 22.79 7.33
N GLY B 11 11.62 23.22 7.66
CA GLY B 11 10.58 22.30 8.15
C GLY B 11 10.02 22.76 9.47
N ASN B 12 9.68 21.82 10.34
CA ASN B 12 9.06 22.16 11.62
C ASN B 12 9.68 21.44 12.81
N ASN B 13 9.01 21.53 13.96
CA ASN B 13 9.60 21.18 15.25
C ASN B 13 9.28 19.76 15.76
N GLY B 14 8.52 18.99 14.98
CA GLY B 14 8.20 17.61 15.33
C GLY B 14 9.43 16.72 15.41
N GLY B 15 9.25 15.51 15.92
CA GLY B 15 10.29 14.47 15.94
C GLY B 15 11.50 14.77 16.81
N ASN B 16 12.61 14.13 16.47
CA ASN B 16 13.86 14.25 17.21
C ASN B 16 14.93 14.84 16.32
N PHE B 17 15.81 15.66 16.90
CA PHE B 17 16.96 16.17 16.18
C PHE B 17 17.87 15.04 15.67
N TRP B 18 18.45 15.26 14.49
CA TRP B 18 19.46 14.35 13.93
C TRP B 18 20.54 15.12 13.18
N SER B 19 21.74 14.56 13.09
CA SER B 19 22.85 15.20 12.42
C SER B 19 23.84 14.17 11.88
N PHE B 20 24.37 14.44 10.68
CA PHE B 20 25.29 13.54 10.03
C PHE B 20 26.23 14.32 9.11
N ARG B 21 27.47 14.48 9.56
CA ARG B 21 28.52 15.09 8.75
C ARG B 21 29.70 14.12 8.80
N PRO B 22 29.82 13.23 7.81
CA PRO B 22 30.96 12.32 7.85
C PRO B 22 32.25 12.99 7.32
N VAL B 23 33.40 12.44 7.67
CA VAL B 23 34.67 13.03 7.25
C VAL B 23 35.00 12.70 5.80
N ASN B 24 34.26 11.78 5.22
CA ASN B 24 34.44 11.44 3.82
C ASN B 24 33.14 11.69 3.09
N LYS B 25 33.26 11.92 1.78
CA LYS B 25 32.14 12.38 0.96
C LYS B 25 30.94 11.45 1.01
N ILE B 26 29.74 12.02 1.04
CA ILE B 26 28.52 11.23 0.97
C ILE B 26 28.34 10.81 -0.49
N ASN B 27 28.45 9.50 -0.75
CA ASN B 27 28.36 9.01 -2.13
C ASN B 27 27.03 8.32 -2.44
N GLN B 28 26.29 7.93 -1.41
CA GLN B 28 24.99 7.31 -1.65
C GLN B 28 23.90 7.76 -0.69
N ILE B 29 22.74 8.03 -1.26
CA ILE B 29 21.55 8.40 -0.51
C ILE B 29 20.41 7.49 -0.95
N VAL B 30 19.67 6.96 0.02
CA VAL B 30 18.48 6.18 -0.29
C VAL B 30 17.27 6.95 0.22
N ILE B 31 16.31 7.19 -0.67
CA ILE B 31 15.03 7.74 -0.26
C ILE B 31 14.05 6.58 -0.09
N SER B 32 13.52 6.43 1.12
CA SER B 32 12.53 5.40 1.36
C SER B 32 11.13 6.00 1.27
N TYR B 33 10.23 5.29 0.59
CA TYR B 33 8.83 5.71 0.47
C TYR B 33 7.88 4.81 1.23
N GLY B 34 6.74 5.36 1.61
CA GLY B 34 5.67 4.58 2.24
C GLY B 34 4.32 4.88 1.62
N GLY B 35 3.29 4.25 2.16
CA GLY B 35 1.89 4.52 1.78
C GLY B 35 1.47 4.14 0.38
N GLY B 36 2.33 3.40 -0.34
CA GLY B 36 2.01 2.91 -1.68
C GLY B 36 2.18 3.91 -2.81
N GLY B 37 2.38 5.18 -2.46
CA GLY B 37 2.61 6.23 -3.44
C GLY B 37 4.04 6.75 -3.40
N ASN B 38 4.21 8.02 -3.79
CA ASN B 38 5.51 8.66 -3.77
C ASN B 38 5.66 9.51 -2.49
N ASN B 39 5.62 8.84 -1.34
CA ASN B 39 5.62 9.52 -0.05
C ASN B 39 6.92 9.26 0.71
N PRO B 40 7.85 10.22 0.68
CA PRO B 40 9.12 9.99 1.38
C PRO B 40 8.87 9.84 2.88
N ILE B 41 9.48 8.82 3.49
CA ILE B 41 9.30 8.58 4.91
C ILE B 41 10.63 8.49 5.65
N ALA B 42 11.68 8.18 4.91
CA ALA B 42 13.02 8.01 5.48
C ALA B 42 14.11 8.42 4.49
N LEU B 43 15.24 8.85 5.03
CA LEU B 43 16.43 9.15 4.25
C LEU B 43 17.63 8.41 4.84
N THR B 44 18.46 7.83 3.98
CA THR B 44 19.69 7.22 4.41
C THR B 44 20.83 7.89 3.68
N PHE B 45 21.79 8.41 4.45
CA PHE B 45 23.01 8.98 3.87
C PHE B 45 24.16 8.05 4.19
N SER B 46 24.96 7.72 3.19
CA SER B 46 26.11 6.88 3.45
C SER B 46 27.36 7.39 2.75
N SER B 47 28.49 7.11 3.36
CA SER B 47 29.78 7.52 2.87
C SER B 47 30.73 6.33 2.95
N THR B 48 31.16 5.82 1.80
CA THR B 48 32.04 4.64 1.76
C THR B 48 33.50 5.00 1.97
N LYS B 49 34.10 4.41 3.00
CA LYS B 49 35.52 4.64 3.31
C LYS B 49 36.42 3.79 2.43
N ALA B 50 37.69 4.18 2.34
CA ALA B 50 38.68 3.47 1.52
C ALA B 50 38.81 1.98 1.87
N ASP B 51 38.58 1.66 3.16
CA ASP B 51 38.72 0.29 3.66
C ASP B 51 37.50 -0.60 3.42
N GLY B 52 36.42 -0.01 2.93
CA GLY B 52 35.20 -0.77 2.63
C GLY B 52 34.09 -0.60 3.64
N SER B 53 34.42 0.00 4.79
CA SER B 53 33.43 0.32 5.81
C SER B 53 32.68 1.59 5.43
N LYS B 54 31.46 1.72 5.93
CA LYS B 54 30.63 2.87 5.58
C LYS B 54 30.25 3.66 6.83
N ASP B 55 30.29 4.99 6.70
CA ASP B 55 29.60 5.86 7.66
C ASP B 55 28.16 5.99 7.16
N THR B 56 27.20 5.80 8.06
CA THR B 56 25.80 5.82 7.63
C THR B 56 24.84 6.29 8.73
N ILE B 57 23.74 6.88 8.29
CA ILE B 57 22.63 7.23 9.17
C ILE B 57 21.34 6.98 8.41
N THR B 58 20.29 6.55 9.11
CA THR B 58 18.96 6.58 8.56
C THR B 58 18.06 7.40 9.46
N VAL B 59 17.34 8.34 8.87
CA VAL B 59 16.44 9.21 9.60
C VAL B 59 15.04 9.11 9.01
N GLY B 60 14.03 9.24 9.86
CA GLY B 60 12.66 9.00 9.46
C GLY B 60 12.39 7.52 9.42
N GLY B 61 11.16 7.15 9.08
CA GLY B 61 10.74 5.75 9.08
C GLY B 61 10.80 5.11 10.46
N GLY B 62 10.58 5.92 11.50
CA GLY B 62 10.63 5.43 12.88
C GLY B 62 9.42 4.63 13.31
N GLY B 63 8.40 4.58 12.45
CA GLY B 63 7.16 3.88 12.78
C GLY B 63 7.01 2.53 12.13
N PRO B 64 5.81 1.94 12.20
CA PRO B 64 5.53 0.64 11.59
C PRO B 64 5.33 0.73 10.07
N ASP B 65 5.28 1.96 9.54
CA ASP B 65 5.02 2.20 8.12
C ASP B 65 5.88 1.31 7.25
N SER B 66 5.25 0.52 6.39
CA SER B 66 5.99 -0.39 5.52
C SER B 66 6.65 0.41 4.39
N ILE B 67 7.93 0.12 4.15
CA ILE B 67 8.62 0.71 3.01
C ILE B 67 8.02 0.12 1.75
N THR B 68 7.48 0.97 0.87
CA THR B 68 6.79 0.52 -0.32
C THR B 68 7.62 0.70 -1.59
N GLY B 69 8.69 1.48 -1.47
CA GLY B 69 9.55 1.78 -2.60
C GLY B 69 10.75 2.57 -2.14
N THR B 70 11.80 2.56 -2.94
CA THR B 70 12.98 3.36 -2.67
C THR B 70 13.50 3.99 -3.96
N GLU B 71 14.14 5.14 -3.82
CA GLU B 71 14.92 5.71 -4.90
C GLU B 71 16.31 6.00 -4.37
N MET B 72 17.27 6.14 -5.27
CA MET B 72 18.65 6.32 -4.86
C MET B 72 19.33 7.48 -5.54
N VAL B 73 20.24 8.11 -4.81
CA VAL B 73 21.14 9.11 -5.36
C VAL B 73 22.52 8.47 -5.31
N ASN B 74 23.16 8.42 -6.46
CA ASN B 74 24.51 7.89 -6.57
C ASN B 74 25.41 9.05 -6.96
N ILE B 75 26.42 9.30 -6.14
CA ILE B 75 27.31 10.43 -6.34
C ILE B 75 28.66 9.90 -6.78
N GLY B 76 29.06 10.26 -7.99
CA GLY B 76 30.27 9.73 -8.62
C GLY B 76 31.58 10.30 -8.10
N THR B 77 32.70 9.80 -8.63
CA THR B 77 34.04 10.12 -8.13
C THR B 77 34.36 11.62 -8.17
N ASP B 78 34.05 12.27 -9.29
CA ASP B 78 34.27 13.71 -9.42
C ASP B 78 32.99 14.51 -9.26
N GLU B 79 32.04 13.93 -8.54
CA GLU B 79 30.76 14.55 -8.25
C GLU B 79 30.66 14.86 -6.76
N TYR B 80 29.96 15.95 -6.41
CA TYR B 80 29.69 16.27 -5.00
C TYR B 80 28.41 17.09 -4.86
N LEU B 81 27.71 16.90 -3.74
CA LEU B 81 26.47 17.63 -3.46
C LEU B 81 26.72 19.13 -3.30
N THR B 82 25.85 19.94 -3.89
CA THR B 82 26.01 21.40 -3.87
C THR B 82 24.78 22.09 -3.32
N GLY B 83 23.61 21.45 -3.48
CA GLY B 83 22.36 22.08 -3.10
C GLY B 83 21.25 21.10 -2.85
N ILE B 84 20.25 21.54 -2.08
CA ILE B 84 19.00 20.78 -1.93
C ILE B 84 17.79 21.71 -2.02
N SER B 85 16.69 21.15 -2.51
CA SER B 85 15.41 21.83 -2.50
C SER B 85 14.31 20.80 -2.30
N GLY B 86 13.13 21.26 -1.90
CA GLY B 86 11.98 20.37 -1.83
C GLY B 86 10.76 21.04 -1.26
N THR B 87 9.82 20.23 -0.78
CA THR B 87 8.56 20.72 -0.22
C THR B 87 8.20 20.09 1.13
N PHE B 88 7.59 20.87 2.00
CA PHE B 88 7.01 20.36 3.25
C PHE B 88 5.50 20.51 3.22
N GLY B 89 4.80 19.41 3.46
CA GLY B 89 3.35 19.43 3.53
C GLY B 89 2.80 18.30 4.37
N ILE B 90 1.50 18.07 4.27
CA ILE B 90 0.80 17.09 5.09
C ILE B 90 0.84 15.67 4.50
N TYR B 91 1.28 14.73 5.32
CA TYR B 91 1.16 13.31 5.02
C TYR B 91 0.60 12.66 6.27
N LEU B 92 -0.68 12.27 6.18
CA LEU B 92 -1.40 11.62 7.28
C LEU B 92 -1.34 12.43 8.57
N ASP B 93 -1.88 13.66 8.51
CA ASP B 93 -1.96 14.57 9.66
C ASP B 93 -0.60 14.91 10.29
N ASN B 94 0.45 14.89 9.47
CA ASN B 94 1.79 15.28 9.86
C ASN B 94 2.39 16.24 8.84
N ASN B 95 2.84 17.41 9.29
CA ASN B 95 3.56 18.34 8.41
C ASN B 95 5.00 17.89 8.30
N VAL B 96 5.34 17.26 7.17
CA VAL B 96 6.62 16.59 7.00
C VAL B 96 7.20 16.83 5.61
N LEU B 97 8.37 16.24 5.35
CA LEU B 97 8.99 16.32 4.03
C LEU B 97 8.15 15.60 2.99
N ARG B 98 7.79 16.31 1.92
CA ARG B 98 6.95 15.74 0.85
C ARG B 98 7.70 15.44 -0.45
N SER B 99 8.70 16.26 -0.76
CA SER B 99 9.55 16.02 -1.92
C SER B 99 10.94 16.59 -1.67
N ILE B 100 11.93 16.04 -2.36
CA ILE B 100 13.31 16.48 -2.21
C ILE B 100 14.13 16.28 -3.49
N THR B 101 14.98 17.25 -3.78
CA THR B 101 15.92 17.17 -4.90
C THR B 101 17.34 17.42 -4.42
N PHE B 102 18.26 16.56 -4.84
CA PHE B 102 19.67 16.70 -4.50
C PHE B 102 20.48 17.15 -5.73
N THR B 103 20.97 18.39 -5.70
CA THR B 103 21.82 18.90 -6.77
C THR B 103 23.31 18.67 -6.47
N THR B 104 24.04 18.21 -7.49
CA THR B 104 25.48 18.09 -7.45
C THR B 104 26.07 19.05 -8.48
N ASN B 105 27.40 19.06 -8.59
CA ASN B 105 28.10 19.84 -9.61
C ASN B 105 27.79 19.34 -11.03
N LEU B 106 27.22 18.13 -11.11
CA LEU B 106 27.00 17.47 -12.39
C LEU B 106 25.53 17.47 -12.86
N LYS B 107 24.61 17.29 -11.91
CA LYS B 107 23.17 17.29 -12.24
C LYS B 107 22.29 17.48 -11.01
N ALA B 108 20.99 17.65 -11.24
CA ALA B 108 20.02 17.56 -10.16
C ALA B 108 19.45 16.13 -10.13
N HIS B 109 19.53 15.49 -8.96
CA HIS B 109 18.89 14.19 -8.75
C HIS B 109 17.52 14.38 -8.10
N GLY B 110 16.49 13.81 -8.71
CA GLY B 110 15.10 14.04 -8.27
C GLY B 110 14.23 14.66 -9.36
N PRO B 111 13.09 15.27 -8.98
CA PRO B 111 12.52 15.37 -7.63
C PRO B 111 12.13 14.02 -7.09
N TYR B 112 12.35 13.83 -5.79
CA TYR B 112 11.99 12.59 -5.11
C TYR B 112 10.78 12.83 -4.23
N GLY B 113 9.71 12.09 -4.49
CA GLY B 113 8.48 12.25 -3.71
C GLY B 113 7.38 12.95 -4.49
N GLN B 114 6.64 13.81 -3.79
CA GLN B 114 5.51 14.51 -4.41
C GLN B 114 5.59 16.03 -4.24
N LYS B 115 5.67 16.73 -5.37
CA LYS B 115 5.78 18.18 -5.41
C LYS B 115 4.50 18.86 -4.92
N VAL B 116 4.30 18.85 -3.60
CA VAL B 116 3.12 19.46 -2.95
C VAL B 116 3.50 20.10 -1.61
N GLY B 117 2.82 21.18 -1.25
CA GLY B 117 3.05 21.86 0.02
C GLY B 117 3.97 23.05 -0.11
N THR B 118 4.60 23.45 1.00
CA THR B 118 5.48 24.61 1.05
C THR B 118 6.90 24.28 0.57
N PRO B 119 7.38 25.01 -0.47
CA PRO B 119 8.72 24.75 -1.02
C PRO B 119 9.83 25.43 -0.22
N PHE B 120 11.03 24.85 -0.29
CA PHE B 120 12.22 25.43 0.31
C PHE B 120 13.39 25.15 -0.63
N SER B 121 14.46 25.94 -0.48
CA SER B 121 15.62 25.83 -1.34
C SER B 121 16.87 26.39 -0.67
N SER B 122 17.98 25.65 -0.75
CA SER B 122 19.27 26.12 -0.24
C SER B 122 19.82 27.25 -1.13
N ALA B 123 20.80 27.99 -0.59
CA ALA B 123 21.37 29.13 -1.32
C ALA B 123 22.38 28.66 -2.37
N ASN B 124 22.19 29.14 -3.61
CA ASN B 124 23.05 28.71 -4.71
C ASN B 124 24.35 29.50 -4.75
N VAL B 125 25.37 28.98 -4.07
CA VAL B 125 26.67 29.62 -4.00
C VAL B 125 27.68 28.86 -4.86
N ASN B 128 30.26 26.23 -3.38
CA ASN B 128 29.88 25.62 -2.09
C ASN B 128 29.70 24.11 -2.21
N GLU B 129 30.08 23.38 -1.16
CA GLU B 129 29.83 21.95 -1.10
C GLU B 129 29.00 21.61 0.14
N ILE B 130 27.99 20.76 -0.03
CA ILE B 130 27.27 20.20 1.11
C ILE B 130 28.06 18.99 1.56
N VAL B 131 28.48 19.02 2.83
CA VAL B 131 29.31 17.99 3.41
C VAL B 131 28.59 17.21 4.51
N GLY B 132 27.34 17.58 4.77
CA GLY B 132 26.52 16.85 5.75
C GLY B 132 25.11 17.37 5.79
N PHE B 133 24.28 16.68 6.57
CA PHE B 133 22.88 17.04 6.73
C PHE B 133 22.51 17.00 8.21
N LEU B 134 21.44 17.68 8.57
CA LEU B 134 20.90 17.67 9.91
C LEU B 134 19.41 17.98 9.78
N GLY B 135 18.66 17.80 10.87
CA GLY B 135 17.23 18.09 10.81
C GLY B 135 16.50 17.47 11.97
N ARG B 136 15.20 17.23 11.78
CA ARG B 136 14.40 16.48 12.74
C ARG B 136 13.66 15.34 12.05
N SER B 137 13.46 14.24 12.77
CA SER B 137 12.70 13.12 12.24
C SER B 137 12.00 12.29 13.31
N GLY B 138 10.96 11.58 12.91
CA GLY B 138 10.26 10.63 13.77
C GLY B 138 9.77 9.51 12.89
N TYR B 139 8.46 9.45 12.70
CA TYR B 139 7.87 8.54 11.71
C TYR B 139 8.32 8.94 10.32
N TYR B 140 8.40 10.25 10.09
CA TYR B 140 8.82 10.81 8.81
C TYR B 140 9.95 11.82 9.01
N VAL B 141 10.20 12.66 8.01
CA VAL B 141 11.24 13.67 8.08
C VAL B 141 10.59 15.03 8.38
N ASP B 142 10.85 15.54 9.58
CA ASP B 142 10.17 16.73 10.07
C ASP B 142 10.85 18.02 9.63
N ALA B 143 12.14 17.91 9.36
CA ALA B 143 12.97 19.05 9.03
C ALA B 143 14.27 18.55 8.43
N ILE B 144 14.87 19.36 7.57
CA ILE B 144 16.17 19.05 7.01
C ILE B 144 16.95 20.32 6.70
N GLY B 145 18.24 20.28 6.99
CA GLY B 145 19.19 21.29 6.57
C GLY B 145 20.50 20.67 6.17
N THR B 146 21.50 21.51 5.92
CA THR B 146 22.80 21.07 5.42
C THR B 146 23.97 21.63 6.24
N TYR B 147 25.07 20.88 6.25
CA TYR B 147 26.36 21.43 6.64
C TYR B 147 27.12 21.76 5.36
N ASN B 148 27.86 22.86 5.40
CA ASN B 148 28.46 23.40 4.20
C ASN B 148 29.91 23.77 4.40
N ARG B 149 30.70 23.60 3.33
CA ARG B 149 32.10 24.02 3.32
C ARG B 149 32.47 24.44 1.90
N HIS B 150 33.07 25.62 1.77
CA HIS B 150 33.36 26.17 0.45
C HIS B 150 34.63 25.60 -0.20
N VAL C 1 -39.10 1.41 -8.59
CA VAL C 1 -38.95 -0.07 -8.46
C VAL C 1 -37.92 -0.40 -7.36
N PRO C 2 -38.35 -1.04 -6.25
CA PRO C 2 -37.43 -1.38 -5.17
C PRO C 2 -36.38 -2.40 -5.60
N MET C 3 -35.22 -2.38 -4.94
CA MET C 3 -34.13 -3.31 -5.23
C MET C 3 -33.55 -3.77 -3.90
N ASP C 4 -32.98 -4.95 -3.87
CA ASP C 4 -32.47 -5.48 -2.61
C ASP C 4 -31.29 -4.66 -2.08
N THR C 5 -31.30 -4.44 -0.79
CA THR C 5 -30.25 -3.73 -0.06
C THR C 5 -28.87 -4.34 -0.28
N ILE C 6 -27.90 -3.51 -0.64
CA ILE C 6 -26.52 -3.92 -0.84
C ILE C 6 -25.73 -3.65 0.43
N SER C 7 -24.98 -4.66 0.87
CA SER C 7 -23.95 -4.49 1.90
C SER C 7 -22.60 -4.60 1.21
N GLY C 8 -21.70 -3.68 1.53
CA GLY C 8 -20.42 -3.57 0.84
C GLY C 8 -20.61 -2.89 -0.50
N PRO C 9 -19.91 -3.37 -1.56
CA PRO C 9 -18.94 -4.46 -1.53
C PRO C 9 -17.66 -4.08 -0.81
N TRP C 10 -16.93 -5.09 -0.35
CA TRP C 10 -15.63 -4.87 0.27
C TRP C 10 -14.54 -5.32 -0.71
N GLY C 11 -13.35 -4.74 -0.59
CA GLY C 11 -12.26 -5.00 -1.52
C GLY C 11 -11.83 -3.74 -2.25
N ASN C 12 -11.43 -3.90 -3.52
CA ASN C 12 -10.89 -2.78 -4.29
C ASN C 12 -11.46 -2.69 -5.70
N ASN C 13 -10.83 -1.84 -6.52
CA ASN C 13 -11.43 -1.37 -7.77
C ASN C 13 -11.00 -2.12 -9.03
N GLY C 14 -10.19 -3.18 -8.88
CA GLY C 14 -9.72 -3.95 -10.03
C GLY C 14 -10.83 -4.72 -10.71
N GLY C 15 -10.47 -5.38 -11.81
CA GLY C 15 -11.37 -6.29 -12.51
C GLY C 15 -12.64 -5.67 -13.05
N ASN C 16 -13.63 -6.50 -13.29
CA ASN C 16 -14.93 -6.08 -13.80
C ASN C 16 -16.01 -6.35 -12.78
N PHE C 17 -17.04 -5.51 -12.79
CA PHE C 17 -18.22 -5.69 -11.96
C PHE C 17 -18.94 -7.00 -12.28
N TRP C 18 -19.49 -7.63 -11.26
CA TRP C 18 -20.36 -8.79 -11.43
C TRP C 18 -21.48 -8.75 -10.40
N SER C 19 -22.60 -9.41 -10.72
CA SER C 19 -23.76 -9.41 -9.86
C SER C 19 -24.59 -10.66 -10.10
N PHE C 20 -25.07 -11.27 -9.01
CA PHE C 20 -25.86 -12.48 -9.08
C PHE C 20 -26.85 -12.53 -7.92
N ARG C 21 -28.12 -12.33 -8.24
CA ARG C 21 -29.17 -12.45 -7.24
C ARG C 21 -30.27 -13.26 -7.88
N PRO C 22 -30.28 -14.59 -7.65
CA PRO C 22 -31.28 -15.42 -8.28
C PRO C 22 -32.61 -15.37 -7.51
N VAL C 23 -33.70 -15.73 -8.18
CA VAL C 23 -35.05 -15.70 -7.60
C VAL C 23 -35.26 -16.86 -6.62
N ASN C 24 -34.45 -17.90 -6.73
CA ASN C 24 -34.51 -19.01 -5.79
C ASN C 24 -33.23 -19.06 -4.97
N LYS C 25 -33.27 -19.79 -3.86
CA LYS C 25 -32.19 -19.79 -2.89
C LYS C 25 -30.89 -20.33 -3.47
N ILE C 26 -29.79 -19.68 -3.13
CA ILE C 26 -28.46 -20.17 -3.47
C ILE C 26 -28.18 -21.35 -2.54
N ASN C 27 -28.06 -22.55 -3.10
CA ASN C 27 -27.83 -23.76 -2.29
C ASN C 27 -26.48 -24.44 -2.48
N GLN C 28 -25.69 -23.92 -3.41
CA GLN C 28 -24.39 -24.51 -3.70
C GLN C 28 -23.38 -23.43 -4.08
N ILE C 29 -22.26 -23.39 -3.36
CA ILE C 29 -21.16 -22.46 -3.63
C ILE C 29 -19.84 -23.23 -3.77
N VAL C 30 -19.13 -23.00 -4.87
CA VAL C 30 -17.83 -23.65 -5.06
C VAL C 30 -16.76 -22.58 -4.95
N ILE C 31 -15.79 -22.81 -4.07
CA ILE C 31 -14.61 -21.95 -3.98
C ILE C 31 -13.45 -22.64 -4.70
N SER C 32 -12.99 -22.03 -5.79
CA SER C 32 -11.90 -22.60 -6.57
C SER C 32 -10.55 -22.05 -6.08
N TYR C 33 -9.55 -22.92 -6.03
CA TYR C 33 -8.21 -22.53 -5.59
C TYR C 33 -7.18 -22.64 -6.69
N GLY C 34 -6.11 -21.86 -6.57
CA GLY C 34 -4.99 -21.91 -7.51
C GLY C 34 -3.65 -21.96 -6.81
N GLY C 35 -2.59 -22.09 -7.61
CA GLY C 35 -1.21 -22.00 -7.12
C GLY C 35 -0.78 -23.09 -6.14
N GLY C 36 -1.53 -24.19 -6.11
CA GLY C 36 -1.18 -25.35 -5.29
C GLY C 36 -1.40 -25.17 -3.79
N GLY C 37 -1.76 -23.96 -3.37
CA GLY C 37 -2.12 -23.68 -1.99
C GLY C 37 -3.61 -23.43 -1.89
N ASN C 38 -4.04 -22.90 -0.75
CA ASN C 38 -5.44 -22.53 -0.58
C ASN C 38 -5.63 -21.04 -0.88
N ASN C 39 -5.40 -20.69 -2.15
CA ASN C 39 -5.50 -19.34 -2.63
C ASN C 39 -6.75 -19.24 -3.50
N PRO C 40 -7.83 -18.67 -2.94
CA PRO C 40 -9.09 -18.58 -3.69
C PRO C 40 -8.87 -17.75 -4.95
N ILE C 41 -9.31 -18.27 -6.09
CA ILE C 41 -9.17 -17.56 -7.35
C ILE C 41 -10.52 -17.35 -8.03
N ALA C 42 -11.51 -18.14 -7.65
CA ALA C 42 -12.84 -18.08 -8.26
C ALA C 42 -13.96 -18.46 -7.29
N LEU C 43 -15.15 -17.94 -7.52
CA LEU C 43 -16.33 -18.33 -6.75
C LEU C 43 -17.46 -18.67 -7.72
N THR C 44 -18.19 -19.75 -7.42
CA THR C 44 -19.36 -20.13 -8.20
C THR C 44 -20.55 -20.18 -7.26
N PHE C 45 -21.61 -19.46 -7.61
CA PHE C 45 -22.86 -19.46 -6.86
C PHE C 45 -23.91 -20.12 -7.73
N SER C 46 -24.62 -21.09 -7.18
CA SER C 46 -25.65 -21.74 -7.97
C SER C 46 -26.90 -21.97 -7.16
N SER C 47 -28.03 -21.86 -7.84
CA SER C 47 -29.34 -21.97 -7.23
C SER C 47 -30.13 -23.00 -8.03
N THR C 48 -30.42 -24.15 -7.42
CA THR C 48 -31.15 -25.23 -8.12
C THR C 48 -32.65 -25.00 -8.11
N LYS C 49 -33.26 -25.04 -9.29
CA LYS C 49 -34.70 -24.82 -9.42
C LYS C 49 -35.49 -26.12 -9.29
N ALA C 50 -36.82 -25.98 -9.14
CA ALA C 50 -37.73 -27.13 -9.00
C ALA C 50 -37.69 -28.06 -10.22
N ASP C 51 -37.47 -27.48 -11.40
CA ASP C 51 -37.45 -28.24 -12.66
C ASP C 51 -36.10 -28.91 -12.94
N GLY C 52 -35.13 -28.74 -12.04
CA GLY C 52 -33.83 -29.40 -12.17
C GLY C 52 -32.69 -28.49 -12.57
N SER C 53 -32.95 -27.60 -13.52
CA SER C 53 -31.96 -26.63 -14.00
C SER C 53 -31.50 -25.68 -12.88
N LYS C 54 -30.38 -25.00 -13.13
CA LYS C 54 -29.76 -24.18 -12.11
C LYS C 54 -29.54 -22.78 -12.65
N ASP C 55 -29.69 -21.79 -11.77
CA ASP C 55 -29.15 -20.45 -12.02
C ASP C 55 -27.73 -20.48 -11.48
N THR C 56 -26.79 -19.92 -12.24
CA THR C 56 -25.38 -20.04 -11.88
C THR C 56 -24.51 -18.89 -12.42
N ILE C 57 -23.49 -18.55 -11.64
CA ILE C 57 -22.46 -17.61 -12.06
C ILE C 57 -21.12 -18.08 -11.51
N THR C 58 -20.05 -17.82 -12.24
CA THR C 58 -18.69 -18.03 -11.77
C THR C 58 -17.92 -16.72 -11.94
N VAL C 59 -17.31 -16.25 -10.86
CA VAL C 59 -16.53 -15.02 -10.88
C VAL C 59 -15.11 -15.32 -10.40
N GLY C 60 -14.13 -14.62 -10.97
CA GLY C 60 -12.74 -14.98 -10.77
C GLY C 60 -12.32 -16.08 -11.72
N GLY C 61 -11.04 -16.44 -11.67
CA GLY C 61 -10.46 -17.43 -12.59
C GLY C 61 -10.55 -17.01 -14.04
N GLY C 62 -10.41 -15.72 -14.30
CA GLY C 62 -10.45 -15.20 -15.67
C GLY C 62 -9.14 -15.38 -16.42
N GLY C 63 -8.15 -15.97 -15.76
CA GLY C 63 -6.82 -16.14 -16.36
C GLY C 63 -6.46 -17.58 -16.65
N PRO C 64 -5.18 -17.82 -17.01
CA PRO C 64 -4.70 -19.17 -17.31
C PRO C 64 -4.48 -20.03 -16.06
N ASP C 65 -4.46 -19.39 -14.89
CA ASP C 65 -4.24 -20.06 -13.60
C ASP C 65 -5.01 -21.37 -13.55
N SER C 66 -4.33 -22.46 -13.22
CA SER C 66 -5.00 -23.74 -13.09
C SER C 66 -5.72 -23.80 -11.76
N ILE C 67 -6.93 -24.35 -11.77
CA ILE C 67 -7.61 -24.71 -10.54
C ILE C 67 -6.83 -25.90 -9.95
N THR C 68 -6.32 -25.73 -8.74
CA THR C 68 -5.54 -26.78 -8.09
C THR C 68 -6.32 -27.52 -7.00
N GLY C 69 -7.43 -26.91 -6.57
CA GLY C 69 -8.28 -27.49 -5.54
C GLY C 69 -9.61 -26.78 -5.52
N THR C 70 -10.61 -27.41 -4.90
CA THR C 70 -11.90 -26.74 -4.68
C THR C 70 -12.41 -27.05 -3.28
N GLU C 71 -13.26 -26.18 -2.77
CA GLU C 71 -14.03 -26.46 -1.59
C GLU C 71 -15.46 -26.05 -1.85
N MET C 72 -16.40 -26.62 -1.12
CA MET C 72 -17.80 -26.41 -1.40
C MET C 72 -18.58 -25.95 -0.18
N VAL C 73 -19.64 -25.19 -0.44
CA VAL C 73 -20.64 -24.88 0.58
C VAL C 73 -21.95 -25.48 0.13
N ASN C 74 -22.51 -26.32 0.99
CA ASN C 74 -23.77 -26.97 0.74
C ASN C 74 -24.79 -26.43 1.72
N ILE C 75 -25.84 -25.82 1.18
CA ILE C 75 -26.86 -25.15 1.99
C ILE C 75 -28.12 -26.02 1.95
N GLY C 76 -28.54 -26.49 3.13
CA GLY C 76 -29.65 -27.44 3.25
C GLY C 76 -31.02 -26.83 3.00
N THR C 77 -32.06 -27.66 3.17
CA THR C 77 -33.45 -27.28 2.89
C THR C 77 -33.94 -26.14 3.78
N ASP C 78 -33.65 -26.24 5.07
CA ASP C 78 -34.07 -25.20 6.02
C ASP C 78 -32.90 -24.33 6.47
N GLU C 79 -31.89 -24.25 5.61
CA GLU C 79 -30.70 -23.44 5.84
C GLU C 79 -30.66 -22.27 4.85
N TYR C 80 -30.14 -21.13 5.30
CA TYR C 80 -29.95 -19.98 4.39
C TYR C 80 -28.79 -19.12 4.85
N LEU C 81 -28.10 -18.50 3.88
CA LEU C 81 -26.97 -17.60 4.13
C LEU C 81 -27.42 -16.37 4.89
N THR C 82 -26.60 -15.95 5.84
CA THR C 82 -26.95 -14.85 6.74
C THR C 82 -25.82 -13.82 6.80
N GLY C 83 -24.59 -14.28 6.61
CA GLY C 83 -23.45 -13.39 6.70
C GLY C 83 -22.24 -13.85 5.92
N ILE C 84 -21.36 -12.91 5.64
CA ILE C 84 -20.02 -13.21 5.10
C ILE C 84 -18.94 -12.41 5.80
N SER C 85 -17.76 -13.03 5.87
CA SER C 85 -16.56 -12.37 6.33
C SER C 85 -15.37 -12.96 5.57
N GLY C 86 -14.21 -12.34 5.71
CA GLY C 86 -13.01 -12.84 5.05
C GLY C 86 -11.92 -11.80 5.09
N THR C 87 -10.92 -11.96 4.23
CA THR C 87 -9.79 -11.03 4.16
C THR C 87 -9.43 -10.66 2.72
N PHE C 88 -8.87 -9.46 2.54
CA PHE C 88 -8.28 -9.05 1.28
C PHE C 88 -6.78 -8.77 1.46
N GLY C 89 -5.98 -9.35 0.57
CA GLY C 89 -4.54 -9.15 0.60
C GLY C 89 -3.92 -9.49 -0.75
N ILE C 90 -2.61 -9.74 -0.74
CA ILE C 90 -1.85 -9.88 -1.99
C ILE C 90 -1.63 -11.33 -2.42
N TYR C 91 -1.98 -11.59 -3.68
CA TYR C 91 -1.68 -12.86 -4.31
C TYR C 91 -1.15 -12.51 -5.69
N LEU C 92 0.13 -12.80 -5.90
CA LEU C 92 0.82 -12.51 -7.16
C LEU C 92 0.58 -11.07 -7.61
N ASP C 93 1.08 -10.12 -6.82
CA ASP C 93 1.03 -8.68 -7.13
C ASP C 93 -0.38 -8.11 -7.33
N ASN C 94 -1.39 -8.83 -6.83
CA ASN C 94 -2.79 -8.41 -6.92
C ASN C 94 -3.46 -8.36 -5.55
N ASN C 95 -4.05 -7.22 -5.20
CA ASN C 95 -4.84 -7.12 -3.98
C ASN C 95 -6.22 -7.71 -4.18
N VAL C 96 -6.41 -8.92 -3.68
CA VAL C 96 -7.60 -9.69 -4.01
C VAL C 96 -8.13 -10.40 -2.78
N LEU C 97 -9.23 -11.14 -2.94
CA LEU C 97 -9.82 -11.93 -1.85
C LEU C 97 -8.89 -13.08 -1.43
N ARG C 98 -8.54 -13.09 -0.15
CA ARG C 98 -7.61 -14.11 0.38
C ARG C 98 -8.29 -15.24 1.16
N SER C 99 -9.35 -14.92 1.92
CA SER C 99 -10.11 -15.92 2.68
C SER C 99 -11.56 -15.47 2.72
N ILE C 100 -12.47 -16.43 2.86
CA ILE C 100 -13.90 -16.13 2.96
C ILE C 100 -14.63 -17.17 3.81
N THR C 101 -15.56 -16.71 4.62
CA THR C 101 -16.43 -17.59 5.43
C THR C 101 -17.89 -17.24 5.14
N PHE C 102 -18.67 -18.26 4.81
CA PHE C 102 -20.11 -18.08 4.59
C PHE C 102 -20.89 -18.59 5.79
N THR C 103 -21.53 -17.68 6.51
CA THR C 103 -22.37 -18.05 7.65
C THR C 103 -23.84 -18.20 7.25
N THR C 104 -24.45 -19.27 7.76
CA THR C 104 -25.88 -19.51 7.62
C THR C 104 -26.52 -19.51 9.00
N ASN C 105 -27.84 -19.62 9.04
CA ASN C 105 -28.61 -19.78 10.29
C ASN C 105 -28.22 -21.02 11.10
N LEU C 106 -27.51 -21.95 10.47
CA LEU C 106 -27.13 -23.20 11.13
C LEU C 106 -25.65 -23.31 11.50
N LYS C 107 -24.78 -22.69 10.71
CA LYS C 107 -23.35 -22.94 10.78
C LYS C 107 -22.54 -21.84 10.09
N ALA C 108 -21.29 -21.67 10.50
CA ALA C 108 -20.31 -20.93 9.70
C ALA C 108 -19.60 -21.96 8.81
N HIS C 109 -19.65 -21.75 7.48
CA HIS C 109 -18.90 -22.59 6.54
C HIS C 109 -17.58 -21.90 6.18
N GLY C 110 -16.46 -22.56 6.46
CA GLY C 110 -15.14 -21.97 6.28
C GLY C 110 -14.27 -22.09 7.52
N PRO C 111 -13.17 -21.30 7.59
CA PRO C 111 -12.72 -20.33 6.58
C PRO C 111 -12.21 -21.02 5.34
N TYR C 112 -12.48 -20.42 4.19
CA TYR C 112 -11.99 -20.95 2.93
C TYR C 112 -10.84 -20.09 2.44
N GLY C 113 -9.66 -20.70 2.30
CA GLY C 113 -8.50 -20.01 1.79
C GLY C 113 -7.43 -19.79 2.85
N GLN C 114 -6.76 -18.64 2.77
CA GLN C 114 -5.68 -18.30 3.69
C GLN C 114 -5.97 -17.02 4.47
N LYS C 115 -5.62 -17.05 5.76
CA LYS C 115 -6.10 -16.05 6.73
C LYS C 115 -5.17 -14.84 6.83
N VAL C 116 -5.02 -14.10 5.74
CA VAL C 116 -4.04 -13.00 5.65
C VAL C 116 -4.60 -11.73 5.02
N GLY C 117 -4.11 -10.57 5.49
CA GLY C 117 -4.48 -9.28 4.92
C GLY C 117 -5.54 -8.53 5.72
N THR C 118 -6.22 -7.60 5.06
CA THR C 118 -7.23 -6.77 5.69
C THR C 118 -8.57 -7.52 5.81
N PRO C 119 -9.14 -7.57 7.02
CA PRO C 119 -10.39 -8.29 7.23
C PRO C 119 -11.62 -7.45 6.92
N PHE C 120 -12.71 -8.13 6.55
CA PHE C 120 -14.02 -7.50 6.42
C PHE C 120 -15.06 -8.42 7.02
N SER C 121 -16.22 -7.87 7.34
CA SER C 121 -17.28 -8.61 7.97
C SER C 121 -18.61 -7.90 7.73
N SER C 122 -19.59 -8.65 7.25
CA SER C 122 -20.95 -8.13 7.08
C SER C 122 -21.62 -7.89 8.44
N ALA C 123 -22.69 -7.09 8.44
CA ALA C 123 -23.40 -6.77 9.67
C ALA C 123 -24.26 -7.95 10.14
N ASN C 124 -24.22 -8.24 11.43
CA ASN C 124 -25.05 -9.31 12.00
C ASN C 124 -26.44 -8.81 12.41
N VAL C 125 -27.41 -8.96 11.50
CA VAL C 125 -28.77 -8.47 11.73
C VAL C 125 -29.75 -9.62 11.90
N ASN C 128 -31.97 -11.27 8.99
CA ASN C 128 -31.43 -10.91 7.67
C ASN C 128 -31.01 -12.13 6.86
N GLU C 129 -31.36 -12.13 5.57
CA GLU C 129 -30.96 -13.22 4.69
C GLU C 129 -30.18 -12.68 3.49
N ILE C 130 -29.02 -13.27 3.23
CA ILE C 130 -28.29 -12.97 2.01
C ILE C 130 -29.00 -13.71 0.89
N VAL C 131 -29.48 -12.95 -0.10
CA VAL C 131 -30.18 -13.52 -1.24
C VAL C 131 -29.40 -13.34 -2.56
N GLY C 132 -28.22 -12.74 -2.48
CA GLY C 132 -27.36 -12.64 -3.66
C GLY C 132 -26.01 -12.03 -3.33
N PHE C 133 -25.15 -11.97 -4.34
CA PHE C 133 -23.82 -11.41 -4.20
C PHE C 133 -23.51 -10.47 -5.37
N LEU C 134 -22.54 -9.58 -5.16
CA LEU C 134 -22.04 -8.69 -6.20
C LEU C 134 -20.59 -8.38 -5.87
N GLY C 135 -19.84 -7.83 -6.82
CA GLY C 135 -18.45 -7.50 -6.56
C GLY C 135 -17.70 -7.12 -7.81
N ARG C 136 -16.39 -7.29 -7.77
CA ARG C 136 -15.55 -7.16 -8.96
C ARG C 136 -14.63 -8.37 -9.07
N SER C 137 -14.29 -8.76 -10.29
CA SER C 137 -13.39 -9.88 -10.52
C SER C 137 -12.64 -9.78 -11.85
N GLY C 138 -11.47 -10.39 -11.88
CA GLY C 138 -10.68 -10.54 -13.11
C GLY C 138 -10.10 -11.93 -13.09
N TYR C 139 -8.78 -12.00 -12.97
CA TYR C 139 -8.08 -13.26 -12.71
C TYR C 139 -8.52 -13.84 -11.39
N TYR C 140 -8.77 -12.95 -10.43
CA TYR C 140 -9.18 -13.31 -9.08
C TYR C 140 -10.42 -12.52 -8.67
N VAL C 141 -10.80 -12.63 -7.41
CA VAL C 141 -11.94 -11.88 -6.91
C VAL C 141 -11.40 -10.60 -6.28
N ASP C 142 -11.73 -9.47 -6.91
CA ASP C 142 -11.23 -8.16 -6.50
C ASP C 142 -12.06 -7.53 -5.38
N ALA C 143 -13.34 -7.86 -5.33
CA ALA C 143 -14.29 -7.31 -4.39
C ALA C 143 -15.48 -8.24 -4.25
N ILE C 144 -16.14 -8.19 -3.10
CA ILE C 144 -17.39 -8.92 -2.90
C ILE C 144 -18.30 -8.17 -1.93
N GLY C 145 -19.60 -8.23 -2.22
CA GLY C 145 -20.63 -7.73 -1.34
C GLY C 145 -21.86 -8.59 -1.45
N THR C 146 -22.91 -8.20 -0.71
CA THR C 146 -24.11 -9.00 -0.65
C THR C 146 -25.35 -8.22 -1.03
N TYR C 147 -26.35 -8.94 -1.52
CA TYR C 147 -27.72 -8.45 -1.60
C TYR C 147 -28.47 -9.05 -0.43
N ASN C 148 -29.27 -8.23 0.23
CA ASN C 148 -29.93 -8.59 1.49
C ASN C 148 -31.43 -8.38 1.46
N ARG C 149 -32.16 -9.24 2.16
CA ARG C 149 -33.59 -9.05 2.40
C ARG C 149 -33.95 -9.60 3.77
N HIS C 150 -34.71 -8.82 4.54
CA HIS C 150 -35.08 -9.20 5.91
C HIS C 150 -36.45 -9.87 5.97
N VAL D 1 30.74 7.36 -13.68
CA VAL D 1 30.58 6.29 -14.71
C VAL D 1 29.48 6.70 -15.72
N PRO D 2 29.88 7.02 -16.97
CA PRO D 2 28.91 7.45 -17.98
C PRO D 2 28.00 6.31 -18.41
N MET D 3 26.80 6.66 -18.86
CA MET D 3 25.84 5.70 -19.36
C MET D 3 25.27 6.27 -20.64
N ASP D 4 24.87 5.39 -21.55
CA ASP D 4 24.41 5.80 -22.88
C ASP D 4 23.13 6.61 -22.85
N THR D 5 23.05 7.58 -23.75
CA THR D 5 21.90 8.45 -23.87
C THR D 5 20.62 7.66 -24.10
N ILE D 6 19.58 7.98 -23.33
CA ILE D 6 18.26 7.40 -23.49
C ILE D 6 17.40 8.37 -24.30
N SER D 7 16.70 7.84 -25.30
CA SER D 7 15.66 8.57 -25.98
C SER D 7 14.30 7.95 -25.62
N GLY D 8 13.40 8.78 -25.11
CA GLY D 8 12.12 8.30 -24.60
C GLY D 8 12.25 7.88 -23.15
N PRO D 9 11.55 6.80 -22.74
CA PRO D 9 10.70 5.93 -23.55
C PRO D 9 9.35 6.58 -23.86
N TRP D 10 8.65 6.04 -24.84
CA TRP D 10 7.26 6.40 -25.14
C TRP D 10 6.34 5.28 -24.70
N GLY D 11 5.11 5.62 -24.36
CA GLY D 11 4.12 4.62 -23.94
C GLY D 11 3.49 4.96 -22.61
N ASN D 12 3.29 3.95 -21.78
CA ASN D 12 2.59 4.12 -20.52
C ASN D 12 3.27 3.43 -19.33
N ASN D 13 2.65 3.51 -18.17
CA ASN D 13 3.28 3.07 -16.92
C ASN D 13 2.97 1.62 -16.55
N GLY D 14 2.26 0.91 -17.43
CA GLY D 14 1.90 -0.50 -17.20
C GLY D 14 3.10 -1.45 -17.23
N GLY D 15 2.84 -2.70 -16.87
CA GLY D 15 3.84 -3.76 -16.92
C GLY D 15 5.04 -3.50 -16.04
N ASN D 16 6.15 -4.15 -16.38
CA ASN D 16 7.41 -4.03 -15.65
C ASN D 16 8.46 -3.41 -16.54
N PHE D 17 9.39 -2.69 -15.92
CA PHE D 17 10.55 -2.16 -16.62
C PHE D 17 11.43 -3.26 -17.22
N TRP D 18 11.96 -3.01 -18.41
CA TRP D 18 12.94 -3.90 -19.02
C TRP D 18 14.03 -3.08 -19.69
N SER D 19 15.22 -3.64 -19.79
CA SER D 19 16.32 -2.92 -20.43
C SER D 19 17.27 -3.90 -21.08
N PHE D 20 17.75 -3.56 -22.27
CA PHE D 20 18.67 -4.41 -23.00
C PHE D 20 19.64 -3.59 -23.84
N ARG D 21 20.89 -3.51 -23.39
CA ARG D 21 21.93 -2.82 -24.15
C ARG D 21 23.12 -3.76 -24.15
N PRO D 22 23.25 -4.57 -25.20
CA PRO D 22 24.38 -5.50 -25.25
C PRO D 22 25.61 -4.80 -25.81
N VAL D 23 26.79 -5.31 -25.50
CA VAL D 23 28.02 -4.77 -26.06
C VAL D 23 28.34 -5.37 -27.44
N ASN D 24 27.55 -6.34 -27.88
CA ASN D 24 27.60 -6.83 -29.26
C ASN D 24 26.40 -6.30 -30.02
N LYS D 25 26.57 -6.03 -31.32
CA LYS D 25 25.54 -5.38 -32.14
C LYS D 25 24.25 -6.20 -32.22
N ILE D 26 23.10 -5.52 -32.14
CA ILE D 26 21.83 -6.20 -32.33
C ILE D 26 21.65 -6.42 -33.83
N ASN D 27 21.55 -7.68 -34.25
CA ASN D 27 21.44 -7.99 -35.69
C ASN D 27 20.07 -8.51 -36.13
N GLN D 28 19.22 -8.86 -35.17
CA GLN D 28 17.86 -9.34 -35.47
C GLN D 28 16.80 -8.88 -34.45
N ILE D 29 15.65 -8.47 -34.98
CA ILE D 29 14.51 -8.11 -34.15
C ILE D 29 13.33 -8.98 -34.60
N VAL D 30 12.77 -9.73 -33.66
CA VAL D 30 11.57 -10.55 -33.94
C VAL D 30 10.34 -9.88 -33.36
N ILE D 31 9.34 -9.67 -34.19
CA ILE D 31 8.07 -9.12 -33.72
C ILE D 31 7.06 -10.25 -33.69
N SER D 32 6.57 -10.58 -32.49
CA SER D 32 5.59 -11.64 -32.29
C SER D 32 4.20 -11.06 -32.22
N TYR D 33 3.26 -11.69 -32.93
CA TYR D 33 1.88 -11.26 -32.98
C TYR D 33 0.94 -12.19 -32.23
N GLY D 34 -0.25 -11.70 -31.93
CA GLY D 34 -1.28 -12.51 -31.26
C GLY D 34 -2.69 -12.18 -31.72
N GLY D 35 -3.64 -12.92 -31.17
CA GLY D 35 -5.06 -12.72 -31.42
C GLY D 35 -5.50 -13.06 -32.84
N GLY D 36 -4.67 -13.85 -33.53
CA GLY D 36 -4.93 -14.26 -34.91
C GLY D 36 -4.81 -13.15 -35.94
N GLY D 37 -4.27 -12.02 -35.53
CA GLY D 37 -4.16 -10.85 -36.40
C GLY D 37 -2.77 -10.24 -36.48
N ASN D 38 -2.74 -8.94 -36.69
CA ASN D 38 -1.49 -8.22 -36.82
C ASN D 38 -1.24 -7.34 -35.60
N ASN D 39 -1.37 -7.94 -34.42
CA ASN D 39 -1.20 -7.22 -33.17
C ASN D 39 0.07 -7.68 -32.44
N PRO D 40 1.10 -6.81 -32.42
CA PRO D 40 2.36 -7.17 -31.79
C PRO D 40 2.16 -7.37 -30.30
N ILE D 41 2.69 -8.47 -29.77
CA ILE D 41 2.56 -8.79 -28.35
C ILE D 41 3.89 -8.92 -27.65
N ALA D 42 4.93 -9.29 -28.40
CA ALA D 42 6.28 -9.42 -27.86
C ALA D 42 7.34 -8.94 -28.85
N LEU D 43 8.46 -8.46 -28.30
CA LEU D 43 9.61 -8.06 -29.11
C LEU D 43 10.82 -8.81 -28.60
N THR D 44 11.61 -9.34 -29.53
CA THR D 44 12.84 -10.01 -29.17
C THR D 44 14.00 -9.30 -29.87
N PHE D 45 14.96 -8.85 -29.07
CA PHE D 45 16.18 -8.26 -29.61
C PHE D 45 17.30 -9.25 -29.38
N SER D 46 18.09 -9.53 -30.42
CA SER D 46 19.22 -10.42 -30.20
C SER D 46 20.44 -9.98 -30.99
N SER D 47 21.60 -10.33 -30.45
CA SER D 47 22.85 -9.79 -30.93
C SER D 47 23.59 -10.81 -31.77
N THR D 48 24.53 -10.33 -32.56
CA THR D 48 25.47 -11.20 -33.24
C THR D 48 26.22 -12.07 -32.24
N LYS D 49 26.36 -13.36 -32.57
CA LYS D 49 27.05 -14.27 -31.68
C LYS D 49 28.56 -14.00 -31.73
N ALA D 50 29.03 -13.59 -32.91
CA ALA D 50 30.39 -13.07 -33.16
C ALA D 50 31.54 -13.95 -32.66
N GLY D 52 31.44 -15.62 -29.88
CA GLY D 52 31.62 -16.48 -28.71
C GLY D 52 30.32 -16.76 -27.97
N SER D 53 29.59 -15.70 -27.64
CA SER D 53 28.31 -15.82 -26.92
C SER D 53 27.21 -14.98 -27.56
N LYS D 54 25.95 -15.31 -27.23
CA LYS D 54 24.79 -14.65 -27.81
C LYS D 54 23.93 -13.95 -26.75
N ASP D 55 23.61 -12.68 -26.98
CA ASP D 55 22.74 -11.91 -26.08
C ASP D 55 21.34 -11.81 -26.65
N THR D 56 20.34 -12.01 -25.80
CA THR D 56 18.96 -11.95 -26.23
C THR D 56 18.03 -11.53 -25.10
N ILE D 57 16.92 -10.93 -25.49
CA ILE D 57 15.87 -10.63 -24.54
C ILE D 57 14.54 -10.73 -25.28
N THR D 58 13.51 -11.17 -24.56
CA THR D 58 12.16 -11.10 -25.05
C THR D 58 11.33 -10.35 -24.03
N VAL D 59 10.55 -9.40 -24.51
CA VAL D 59 9.73 -8.54 -23.66
C VAL D 59 8.32 -8.51 -24.22
N GLY D 60 7.34 -8.49 -23.32
CA GLY D 60 5.95 -8.74 -23.74
C GLY D 60 5.74 -10.24 -23.85
N GLY D 61 4.54 -10.64 -24.27
CA GLY D 61 4.19 -12.06 -24.37
C GLY D 61 4.25 -12.85 -23.07
N GLY D 62 4.10 -12.17 -21.93
CA GLY D 62 4.19 -12.83 -20.62
C GLY D 62 2.90 -13.50 -20.18
N GLY D 63 1.95 -13.67 -21.11
CA GLY D 63 0.65 -14.24 -20.78
C GLY D 63 0.33 -15.52 -21.53
N PRO D 64 -0.89 -16.06 -21.32
CA PRO D 64 -1.34 -17.30 -21.97
C PRO D 64 -1.54 -17.15 -23.47
N ASP D 65 -1.62 -15.89 -23.94
CA ASP D 65 -1.76 -15.56 -25.35
C ASP D 65 -0.89 -16.47 -26.21
N SER D 66 -1.51 -17.10 -27.21
CA SER D 66 -0.75 -17.89 -28.17
C SER D 66 -0.15 -16.96 -29.21
N ILE D 67 1.10 -17.21 -29.59
CA ILE D 67 1.75 -16.48 -30.66
C ILE D 67 1.19 -17.01 -31.97
N THR D 68 0.53 -16.14 -32.73
CA THR D 68 -0.13 -16.55 -33.95
C THR D 68 0.72 -16.28 -35.20
N GLY D 69 1.82 -15.55 -35.02
CA GLY D 69 2.75 -15.27 -36.10
C GLY D 69 3.91 -14.40 -35.65
N THR D 70 5.00 -14.45 -36.41
CA THR D 70 6.14 -13.54 -36.20
C THR D 70 6.60 -12.90 -37.50
N GLU D 71 7.27 -11.76 -37.37
CA GLU D 71 7.99 -11.12 -38.47
C GLU D 71 9.36 -10.70 -37.95
N MET D 72 10.28 -10.42 -38.87
CA MET D 72 11.69 -10.32 -38.56
C MET D 72 12.39 -9.15 -39.21
N VAL D 73 13.21 -8.45 -38.42
CA VAL D 73 14.15 -7.48 -38.96
C VAL D 73 15.53 -8.10 -38.98
N ASN D 74 16.12 -8.21 -40.17
CA ASN D 74 17.50 -8.71 -40.31
C ASN D 74 18.44 -7.55 -40.63
N ILE D 75 19.34 -7.25 -39.70
CA ILE D 75 20.25 -6.12 -39.86
C ILE D 75 21.55 -6.59 -40.51
N GLY D 76 21.86 -5.99 -41.66
CA GLY D 76 23.08 -6.30 -42.41
C GLY D 76 24.35 -5.82 -41.70
N THR D 77 25.49 -6.36 -42.12
CA THR D 77 26.76 -6.09 -41.43
C THR D 77 27.23 -4.62 -41.47
N ASP D 78 26.81 -3.87 -42.49
CA ASP D 78 27.06 -2.43 -42.56
C ASP D 78 25.79 -1.61 -42.36
N GLU D 79 24.83 -2.22 -41.67
CA GLU D 79 23.59 -1.58 -41.31
C GLU D 79 23.50 -1.49 -39.78
N TYR D 80 22.82 -0.47 -39.29
CA TYR D 80 22.65 -0.27 -37.85
C TYR D 80 21.43 0.57 -37.57
N LEU D 81 20.79 0.29 -36.44
CA LEU D 81 19.58 1.00 -36.06
C LEU D 81 19.87 2.48 -35.76
N THR D 82 18.94 3.35 -36.09
CA THR D 82 19.12 4.80 -35.91
C THR D 82 17.94 5.51 -35.27
N GLY D 83 16.75 4.96 -35.42
CA GLY D 83 15.56 5.58 -34.86
C GLY D 83 14.40 4.62 -34.78
N ILE D 84 13.43 4.99 -33.96
CA ILE D 84 12.17 4.25 -33.91
C ILE D 84 11.00 5.21 -34.04
N SER D 85 9.87 4.63 -34.43
CA SER D 85 8.59 5.30 -34.45
C SER D 85 7.52 4.22 -34.33
N GLY D 86 6.30 4.64 -34.03
CA GLY D 86 5.19 3.71 -33.97
C GLY D 86 3.97 4.37 -33.39
N THR D 87 3.08 3.55 -32.83
CA THR D 87 1.84 4.01 -32.24
C THR D 87 1.49 3.19 -31.00
N PHE D 88 0.87 3.86 -30.04
CA PHE D 88 0.28 3.21 -28.88
C PHE D 88 -1.22 3.42 -28.93
N GLY D 89 -1.97 2.41 -28.50
CA GLY D 89 -3.42 2.42 -28.52
C GLY D 89 -3.96 1.22 -27.77
N ILE D 90 -5.28 1.05 -27.83
CA ILE D 90 -5.94 0.05 -26.99
C ILE D 90 -6.12 -1.29 -27.71
N TYR D 91 -5.55 -2.34 -27.13
CA TYR D 91 -5.70 -3.70 -27.63
C TYR D 91 -6.11 -4.61 -26.48
N LEU D 92 -7.36 -5.09 -26.55
CA LEU D 92 -7.99 -5.87 -25.47
C LEU D 92 -7.85 -5.15 -24.11
N ASP D 93 -8.44 -3.95 -24.04
CA ASP D 93 -8.50 -3.13 -22.82
C ASP D 93 -7.13 -2.77 -22.23
N ASN D 94 -6.12 -2.69 -23.09
CA ASN D 94 -4.76 -2.32 -22.70
C ASN D 94 -4.15 -1.29 -23.64
N ASN D 95 -3.78 -0.13 -23.10
CA ASN D 95 -3.01 0.85 -23.86
C ASN D 95 -1.59 0.33 -24.05
N VAL D 96 -1.33 -0.27 -25.21
CA VAL D 96 -0.05 -0.88 -25.49
C VAL D 96 0.47 -0.48 -26.87
N LEU D 97 1.69 -0.90 -27.17
CA LEU D 97 2.27 -0.71 -28.50
C LEU D 97 1.42 -1.44 -29.54
N ARG D 98 1.04 -0.73 -30.60
CA ARG D 98 0.16 -1.28 -31.64
C ARG D 98 0.89 -1.43 -32.96
N SER D 99 1.89 -0.59 -33.19
CA SER D 99 2.78 -0.70 -34.35
C SER D 99 4.14 -0.13 -34.01
N ILE D 100 5.15 -0.58 -34.74
CA ILE D 100 6.50 -0.06 -34.59
C ILE D 100 7.28 -0.15 -35.90
N THR D 101 8.11 0.86 -36.13
CA THR D 101 8.98 0.93 -37.29
C THR D 101 10.40 1.13 -36.75
N PHE D 102 11.32 0.30 -37.24
CA PHE D 102 12.73 0.40 -36.88
C PHE D 102 13.53 0.95 -38.05
N THR D 103 13.97 2.20 -37.92
CA THR D 103 14.74 2.87 -38.96
C THR D 103 16.24 2.62 -38.77
N THR D 104 16.92 2.37 -39.88
CA THR D 104 18.36 2.22 -39.88
C THR D 104 18.99 3.29 -40.77
N ASN D 105 20.31 3.26 -40.89
CA ASN D 105 21.02 4.13 -41.82
C ASN D 105 20.65 3.86 -43.27
N LEU D 106 20.04 2.69 -43.52
CA LEU D 106 19.65 2.28 -44.87
C LEU D 106 18.19 2.52 -45.18
N LYS D 107 17.30 2.11 -44.26
CA LYS D 107 15.86 2.21 -44.51
C LYS D 107 15.00 2.13 -43.25
N ALA D 108 13.72 2.43 -43.43
CA ALA D 108 12.71 2.14 -42.43
C ALA D 108 12.22 0.71 -42.62
N HIS D 109 12.31 -0.09 -41.55
CA HIS D 109 11.77 -1.45 -41.51
C HIS D 109 10.41 -1.47 -40.82
N GLY D 110 9.39 -1.95 -41.54
CA GLY D 110 8.02 -1.97 -41.05
C GLY D 110 7.07 -1.18 -41.92
N PRO D 111 5.94 -0.72 -41.37
CA PRO D 111 5.60 -0.86 -39.94
C PRO D 111 5.28 -2.30 -39.57
N TYR D 112 5.45 -2.63 -38.29
CA TYR D 112 5.04 -3.94 -37.79
C TYR D 112 3.88 -3.77 -36.82
N GLY D 113 2.74 -4.36 -37.17
CA GLY D 113 1.54 -4.24 -36.36
C GLY D 113 0.44 -3.49 -37.07
N GLN D 114 -0.40 -2.81 -36.30
CA GLN D 114 -1.52 -2.08 -36.87
C GLN D 114 -1.35 -0.60 -36.62
N LYS D 115 -1.39 0.18 -37.70
CA LYS D 115 -1.06 1.60 -37.66
C LYS D 115 -2.21 2.44 -37.10
N VAL D 116 -2.57 2.19 -35.85
CA VAL D 116 -3.69 2.87 -35.18
C VAL D 116 -3.29 3.40 -33.81
N GLY D 117 -3.99 4.44 -33.37
CA GLY D 117 -3.72 5.06 -32.08
C GLY D 117 -2.64 6.13 -32.14
N THR D 118 -2.22 6.59 -30.97
CA THR D 118 -1.34 7.75 -30.82
C THR D 118 0.10 7.51 -31.30
N PRO D 119 0.55 8.27 -32.30
CA PRO D 119 1.90 8.10 -32.86
C PRO D 119 3.01 8.67 -31.98
N PHE D 120 4.19 8.10 -32.12
CA PHE D 120 5.41 8.65 -31.53
C PHE D 120 6.56 8.48 -32.52
N SER D 121 7.62 9.27 -32.35
CA SER D 121 8.85 9.10 -33.12
C SER D 121 10.02 9.73 -32.38
N SER D 122 11.17 9.05 -32.40
CA SER D 122 12.37 9.55 -31.74
C SER D 122 12.95 10.73 -32.50
N ALA D 123 13.49 11.70 -31.77
CA ALA D 123 14.17 12.84 -32.39
C ALA D 123 15.31 12.32 -33.26
N ASN D 124 15.40 12.81 -34.48
CA ASN D 124 16.40 12.34 -35.44
C ASN D 124 17.70 13.15 -35.42
N VAL D 125 18.80 12.49 -35.10
CA VAL D 125 20.12 13.13 -35.09
C VAL D 125 21.06 12.46 -36.09
N ASN D 128 23.48 9.27 -35.42
CA ASN D 128 23.02 8.51 -34.26
C ASN D 128 23.02 7.00 -34.51
N GLU D 129 23.40 6.23 -33.49
CA GLU D 129 23.19 4.79 -33.53
C GLU D 129 22.37 4.34 -32.31
N ILE D 130 21.37 3.49 -32.55
CA ILE D 130 20.64 2.82 -31.47
C ILE D 130 21.46 1.61 -31.07
N VAL D 131 21.87 1.57 -29.81
CA VAL D 131 22.73 0.51 -29.29
C VAL D 131 22.00 -0.36 -28.26
N GLY D 132 20.76 0.00 -27.97
CA GLY D 132 19.98 -0.78 -27.02
C GLY D 132 18.57 -0.30 -26.94
N PHE D 133 17.76 -1.05 -26.21
CA PHE D 133 16.37 -0.69 -26.00
C PHE D 133 16.02 -0.83 -24.52
N LEU D 134 15.04 -0.05 -24.09
CA LEU D 134 14.45 -0.19 -22.78
C LEU D 134 12.96 0.10 -22.87
N GLY D 135 12.22 -0.29 -21.83
CA GLY D 135 10.80 0.04 -21.82
C GLY D 135 10.07 -0.62 -20.68
N ARG D 136 8.79 -0.89 -20.90
CA ARG D 136 7.97 -1.60 -19.94
C ARG D 136 7.15 -2.65 -20.70
N SER D 137 6.93 -3.80 -20.06
CA SER D 137 6.12 -4.88 -20.64
C SER D 137 5.48 -5.82 -19.61
N GLY D 138 4.41 -6.46 -20.04
CA GLY D 138 3.75 -7.52 -19.28
C GLY D 138 3.23 -8.56 -20.25
N TYR D 139 1.92 -8.64 -20.41
CA TYR D 139 1.34 -9.42 -21.50
C TYR D 139 1.78 -8.89 -22.85
N TYR D 140 1.87 -7.56 -22.97
CA TYR D 140 2.24 -6.88 -24.21
C TYR D 140 3.35 -5.85 -23.96
N VAL D 141 3.67 -5.02 -24.96
CA VAL D 141 4.69 -3.99 -24.77
C VAL D 141 4.04 -2.68 -24.34
N ASP D 142 4.30 -2.30 -23.09
CA ASP D 142 3.69 -1.09 -22.51
C ASP D 142 4.42 0.20 -22.84
N ALA D 143 5.72 0.11 -23.07
CA ALA D 143 6.52 1.29 -23.33
C ALA D 143 7.78 0.86 -24.05
N ILE D 144 8.38 1.79 -24.80
CA ILE D 144 9.63 1.51 -25.48
C ILE D 144 10.42 2.81 -25.73
N GLY D 145 11.73 2.70 -25.55
CA GLY D 145 12.70 3.75 -25.84
C GLY D 145 14.02 3.13 -26.27
N THR D 146 15.04 3.97 -26.47
CA THR D 146 16.32 3.49 -26.99
C THR D 146 17.50 3.98 -26.16
N TYR D 147 18.56 3.19 -26.17
CA TYR D 147 19.89 3.66 -25.82
C TYR D 147 20.61 4.05 -27.09
N ASN D 148 21.33 5.18 -27.01
CA ASN D 148 21.92 5.82 -28.18
C ASN D 148 23.37 6.22 -27.95
N ARG D 149 24.15 6.19 -29.02
CA ARG D 149 25.56 6.57 -29.02
C ARG D 149 25.92 7.04 -30.42
N HIS D 150 26.43 8.27 -30.52
CA HIS D 150 26.75 8.86 -31.81
C HIS D 150 27.99 8.22 -32.44
#